data_1L5F
#
_entry.id   1L5F
#
_cell.length_a   71.530
_cell.length_b   90.000
_cell.length_c   47.430
_cell.angle_alpha   90.00
_cell.angle_beta   90.00
_cell.angle_gamma   90.00
#
_symmetry.space_group_name_H-M   'P 21 21 2'
#
loop_
_entity.id
_entity.type
_entity.pdbx_description
1 polymer 'Nicotinate-nucleotide--dimethylbenzimidazole phosphoribosyltransferase'
2 non-polymer 'PHOSPHATE ION'
3 non-polymer BENZIMIDAZOLE
4 water water
#
_entity_poly.entity_id   1
_entity_poly.type   'polypeptide(L)'
_entity_poly.pdbx_seq_one_letter_code
;MQTLHALLRDIPAPDAEAMARTQQHIDGLLKPPGSLGRLETLAVQLAGMPGLNGTPQVGEKAVLVMCADHGVWDEGVAVS
PKIVTAIQAANMTRGTTGVCVLAAQAGAKVHVIDVGIDAEPIPGVVNMRVARGCGNIAVGPAMSRLQAEALLLEVSRYTC
DLAQRGVTLFGVGELGMANTTPAAAMVSVFTGSDAKEVVGIGANLPPSRIDNKVDVVRRAIAINQPNPRDGIDVLSKVGG
FDLVGMTGVMLGAARCGLPVLLDGFLSYSAALAACQIAPAVRPYLIPSHFSAEKGARIALAHLSMEPYLHMAMRLGEGSG
AALAMPIVEAACAMFHNMGELAASNIVLPEGNANAT
;
_entity_poly.pdbx_strand_id   A
#
# COMPACT_ATOMS: atom_id res chain seq x y z
N LEU A 4 -3.96 17.19 11.73
CA LEU A 4 -4.39 16.11 10.80
C LEU A 4 -5.43 16.63 9.81
N HIS A 5 -6.29 17.53 10.27
CA HIS A 5 -7.31 18.11 9.40
C HIS A 5 -6.61 18.96 8.35
N ALA A 6 -5.44 19.48 8.71
CA ALA A 6 -4.65 20.31 7.81
C ALA A 6 -4.01 19.43 6.75
N LEU A 7 -3.58 18.25 7.18
CA LEU A 7 -2.96 17.28 6.29
C LEU A 7 -3.90 16.93 5.14
N LEU A 8 -5.09 16.45 5.50
CA LEU A 8 -6.09 16.06 4.53
C LEU A 8 -6.52 17.22 3.65
N ARG A 9 -6.66 18.39 4.27
CA ARG A 9 -7.08 19.59 3.57
C ARG A 9 -6.08 20.04 2.50
N ASP A 10 -4.79 19.85 2.78
CA ASP A 10 -3.73 20.28 1.88
C ASP A 10 -3.22 19.30 0.82
N ILE A 11 -3.89 18.16 0.64
CA ILE A 11 -3.47 17.21 -0.40
C ILE A 11 -3.75 17.91 -1.73
N PRO A 12 -2.73 18.02 -2.59
CA PRO A 12 -2.90 18.67 -3.89
C PRO A 12 -3.69 17.87 -4.93
N ALA A 13 -4.43 18.57 -5.77
CA ALA A 13 -5.17 17.92 -6.83
C ALA A 13 -4.13 17.68 -7.93
N PRO A 14 -4.39 16.75 -8.86
CA PRO A 14 -3.47 16.46 -9.95
C PRO A 14 -3.38 17.66 -10.90
N ASP A 15 -2.24 17.83 -11.55
CA ASP A 15 -1.99 18.94 -12.47
C ASP A 15 -2.44 18.60 -13.91
N ALA A 16 -3.67 18.96 -14.24
CA ALA A 16 -4.21 18.68 -15.57
C ALA A 16 -3.39 19.28 -16.71
N GLU A 17 -2.79 20.44 -16.45
CA GLU A 17 -2.00 21.13 -17.46
C GLU A 17 -0.78 20.29 -17.86
N ALA A 18 -0.06 19.78 -16.87
CA ALA A 18 1.11 18.96 -17.13
C ALA A 18 0.69 17.66 -17.80
N MET A 19 -0.45 17.12 -17.38
CA MET A 19 -0.94 15.86 -17.96
C MET A 19 -1.26 16.03 -19.45
N ALA A 20 -1.87 17.17 -19.82
CA ALA A 20 -2.18 17.43 -21.21
C ALA A 20 -0.89 17.52 -22.05
N ARG A 21 0.10 18.22 -21.52
CA ARG A 21 1.38 18.34 -22.24
C ARG A 21 2.02 16.97 -22.35
N THR A 22 1.86 16.16 -21.32
CA THR A 22 2.44 14.82 -21.34
C THR A 22 1.79 13.95 -22.40
N GLN A 23 0.46 14.00 -22.48
CA GLN A 23 -0.24 13.18 -23.46
C GLN A 23 0.19 13.56 -24.88
N GLN A 24 0.28 14.86 -25.15
CA GLN A 24 0.66 15.33 -26.47
C GLN A 24 2.06 14.81 -26.85
N HIS A 25 2.98 14.86 -25.90
CA HIS A 25 4.34 14.40 -26.17
C HIS A 25 4.37 12.90 -26.47
N ILE A 26 3.61 12.12 -25.70
CA ILE A 26 3.54 10.67 -25.88
C ILE A 26 2.93 10.31 -27.23
N ASP A 27 1.97 11.11 -27.67
CA ASP A 27 1.32 10.85 -28.95
C ASP A 27 2.28 10.99 -30.12
N GLY A 28 3.26 11.87 -30.00
CA GLY A 28 4.22 12.08 -31.07
C GLY A 28 5.45 11.19 -31.05
N LEU A 29 5.51 10.26 -30.11
CA LEU A 29 6.67 9.37 -30.04
C LEU A 29 6.67 8.37 -31.19
N LEU A 30 7.84 7.76 -31.41
CA LEU A 30 8.06 6.80 -32.50
C LEU A 30 7.31 5.47 -32.34
N LYS A 31 5.99 5.52 -32.54
CA LYS A 31 5.17 4.33 -32.39
C LYS A 31 3.73 4.66 -32.76
N PRO A 32 2.91 3.64 -33.07
CA PRO A 32 1.51 3.90 -33.41
C PRO A 32 0.88 4.46 -32.15
N PRO A 33 0.13 5.56 -32.26
CA PRO A 33 -0.53 6.19 -31.11
C PRO A 33 -1.25 5.18 -30.24
N GLY A 34 -0.99 5.25 -28.93
CA GLY A 34 -1.62 4.36 -27.97
C GLY A 34 -1.11 2.93 -27.94
N SER A 35 -0.12 2.61 -28.76
CA SER A 35 0.41 1.24 -28.83
C SER A 35 1.13 0.75 -27.58
N LEU A 36 1.59 1.67 -26.73
CA LEU A 36 2.26 1.24 -25.50
C LEU A 36 1.30 1.15 -24.31
N GLY A 37 0.01 1.21 -24.63
CA GLY A 37 -1.05 1.09 -23.64
C GLY A 37 -0.93 1.67 -22.24
N ARG A 38 -0.94 0.80 -21.23
CA ARG A 38 -0.87 1.23 -19.84
C ARG A 38 0.45 1.90 -19.46
N LEU A 39 1.45 1.74 -20.30
CA LEU A 39 2.73 2.39 -20.04
C LEU A 39 2.51 3.89 -20.31
N GLU A 40 1.70 4.20 -21.32
CA GLU A 40 1.42 5.59 -21.65
C GLU A 40 0.54 6.24 -20.59
N THR A 41 -0.52 5.55 -20.17
CA THR A 41 -1.41 6.10 -19.16
C THR A 41 -0.68 6.29 -17.83
N LEU A 42 0.24 5.39 -17.52
CA LEU A 42 1.01 5.48 -16.29
C LEU A 42 1.89 6.74 -16.36
N ALA A 43 2.55 6.95 -17.49
CA ALA A 43 3.40 8.12 -17.65
C ALA A 43 2.59 9.40 -17.46
N VAL A 44 1.39 9.44 -18.01
CA VAL A 44 0.54 10.62 -17.86
C VAL A 44 0.13 10.82 -16.41
N GLN A 45 -0.22 9.72 -15.74
CA GLN A 45 -0.62 9.78 -14.34
C GLN A 45 0.51 10.41 -13.53
N LEU A 46 1.73 9.92 -13.76
CA LEU A 46 2.90 10.43 -13.05
C LEU A 46 3.10 11.93 -13.27
N ALA A 47 2.95 12.37 -14.52
CA ALA A 47 3.13 13.78 -14.89
C ALA A 47 2.21 14.71 -14.12
N GLY A 48 1.04 14.21 -13.74
CA GLY A 48 0.09 15.04 -13.01
C GLY A 48 0.34 15.16 -11.52
N MET A 49 1.34 14.44 -11.01
CA MET A 49 1.65 14.48 -9.57
C MET A 49 2.61 15.65 -9.29
N PRO A 50 2.11 16.70 -8.61
CA PRO A 50 2.88 17.90 -8.28
C PRO A 50 4.30 17.70 -7.76
N GLY A 51 4.51 16.67 -6.96
CA GLY A 51 5.85 16.43 -6.42
C GLY A 51 6.88 16.00 -7.45
N LEU A 52 6.43 15.67 -8.65
CA LEU A 52 7.32 15.22 -9.71
C LEU A 52 7.71 16.31 -10.68
N ASN A 53 7.34 17.54 -10.36
CA ASN A 53 7.73 18.67 -11.20
C ASN A 53 7.32 18.61 -12.68
N GLY A 54 6.03 18.34 -12.92
CA GLY A 54 5.47 18.32 -14.26
C GLY A 54 5.95 17.32 -15.30
N THR A 55 6.63 16.27 -14.88
CA THR A 55 7.12 15.30 -15.85
C THR A 55 7.29 13.92 -15.21
N PRO A 56 7.06 12.84 -15.98
CA PRO A 56 7.24 11.53 -15.35
C PRO A 56 8.72 11.30 -15.07
N GLN A 57 9.08 11.20 -13.80
CA GLN A 57 10.46 10.99 -13.42
C GLN A 57 10.56 10.22 -12.12
N VAL A 58 11.65 9.50 -11.94
CA VAL A 58 11.87 8.74 -10.73
C VAL A 58 13.26 9.03 -10.20
N GLY A 59 13.32 9.52 -8.97
CA GLY A 59 14.61 9.80 -8.36
C GLY A 59 14.97 8.64 -7.47
N GLU A 60 14.98 8.87 -6.15
CA GLU A 60 15.30 7.80 -5.23
C GLU A 60 14.01 7.03 -4.93
N LYS A 61 14.14 5.77 -4.56
CA LYS A 61 12.98 4.93 -4.28
C LYS A 61 13.09 4.34 -2.89
N ALA A 62 11.95 4.24 -2.22
CA ALA A 62 11.96 3.67 -0.88
C ALA A 62 10.73 2.82 -0.64
N VAL A 63 10.91 1.73 0.09
CA VAL A 63 9.80 0.87 0.42
C VAL A 63 9.67 0.93 1.94
N LEU A 64 8.49 1.33 2.43
CA LEU A 64 8.25 1.41 3.87
C LEU A 64 7.49 0.18 4.35
N VAL A 65 8.09 -0.58 5.25
CA VAL A 65 7.46 -1.78 5.78
C VAL A 65 7.01 -1.55 7.23
N MET A 66 5.70 -1.56 7.43
CA MET A 66 5.10 -1.34 8.75
C MET A 66 4.93 -2.68 9.44
N CYS A 67 5.51 -2.80 10.63
CA CYS A 67 5.46 -4.05 11.37
C CYS A 67 4.71 -3.93 12.69
N ALA A 68 3.84 -4.90 12.96
CA ALA A 68 3.09 -4.88 14.20
C ALA A 68 2.45 -6.24 14.44
N ASP A 69 2.13 -6.48 15.71
CA ASP A 69 1.49 -7.74 16.10
C ASP A 69 0.01 -7.48 16.40
N HIS A 70 -0.77 -8.55 16.32
CA HIS A 70 -2.21 -8.50 16.52
C HIS A 70 -2.71 -9.42 17.61
N GLY A 71 -3.58 -8.90 18.47
CA GLY A 71 -4.15 -9.70 19.53
C GLY A 71 -5.00 -10.84 19.01
N VAL A 72 -5.60 -10.64 17.83
CA VAL A 72 -6.46 -11.66 17.22
C VAL A 72 -5.69 -12.95 16.89
N TRP A 73 -4.36 -12.91 17.00
CA TRP A 73 -3.57 -14.10 16.72
C TRP A 73 -3.99 -15.22 17.68
N ASP A 74 -4.41 -14.84 18.88
CA ASP A 74 -4.83 -15.82 19.89
C ASP A 74 -6.08 -16.59 19.50
N GLU A 75 -6.80 -16.10 18.49
CA GLU A 75 -8.03 -16.75 18.04
C GLU A 75 -7.75 -17.93 17.11
N GLY A 76 -6.48 -18.23 16.91
CA GLY A 76 -6.10 -19.34 16.05
C GLY A 76 -6.33 -19.13 14.56
N VAL A 77 -6.21 -17.89 14.12
CA VAL A 77 -6.42 -17.52 12.71
C VAL A 77 -5.13 -17.54 11.86
N ALA A 78 -3.99 -17.82 12.50
CA ALA A 78 -2.71 -17.88 11.79
C ALA A 78 -1.86 -19.03 12.31
N VAL A 79 -1.18 -19.73 11.40
CA VAL A 79 -0.34 -20.85 11.78
C VAL A 79 1.13 -20.46 11.97
N SER A 80 1.50 -19.25 11.52
CA SER A 80 2.87 -18.76 11.70
C SER A 80 3.04 -18.33 13.15
N PRO A 81 4.12 -18.78 13.82
CA PRO A 81 4.36 -18.38 15.22
C PRO A 81 4.33 -16.86 15.35
N LYS A 82 3.79 -16.34 16.45
CA LYS A 82 3.70 -14.90 16.62
C LYS A 82 5.05 -14.20 16.60
N ILE A 83 6.07 -14.86 17.14
CA ILE A 83 7.42 -14.32 17.19
C ILE A 83 8.04 -14.06 15.82
N VAL A 84 7.45 -14.63 14.76
CA VAL A 84 7.97 -14.44 13.41
C VAL A 84 7.98 -12.95 13.04
N THR A 85 6.99 -12.19 13.52
CA THR A 85 6.97 -10.76 13.21
C THR A 85 8.29 -10.11 13.62
N ALA A 86 8.68 -10.33 14.88
CA ALA A 86 9.92 -9.75 15.41
C ALA A 86 11.18 -10.31 14.74
N ILE A 87 11.20 -11.60 14.48
CA ILE A 87 12.36 -12.22 13.84
C ILE A 87 12.54 -11.65 12.42
N GLN A 88 11.45 -11.58 11.67
CA GLN A 88 11.49 -11.07 10.32
C GLN A 88 11.82 -9.58 10.28
N ALA A 89 11.35 -8.84 11.28
CA ALA A 89 11.63 -7.42 11.35
C ALA A 89 13.14 -7.24 11.42
N ALA A 90 13.78 -8.07 12.25
CA ALA A 90 15.23 -8.02 12.40
C ALA A 90 15.91 -8.41 11.08
N ASN A 91 15.41 -9.45 10.42
CA ASN A 91 15.99 -9.87 9.15
C ASN A 91 15.90 -8.76 8.12
N MET A 92 14.90 -7.90 8.26
CA MET A 92 14.76 -6.79 7.32
C MET A 92 15.99 -5.90 7.44
N THR A 93 16.60 -5.84 8.62
CA THR A 93 17.77 -5.00 8.81
C THR A 93 19.03 -5.62 8.23
N ARG A 94 18.98 -6.90 7.91
CA ARG A 94 20.14 -7.57 7.35
C ARG A 94 20.02 -7.86 5.87
N GLY A 95 18.93 -7.39 5.26
CA GLY A 95 18.71 -7.56 3.83
C GLY A 95 18.54 -8.95 3.27
N THR A 96 18.05 -9.88 4.08
CA THR A 96 17.86 -11.26 3.63
C THR A 96 16.42 -11.63 3.31
N THR A 97 15.49 -10.71 3.53
CA THR A 97 14.07 -10.97 3.27
C THR A 97 13.69 -10.80 1.80
N GLY A 98 12.48 -11.23 1.46
CA GLY A 98 12.01 -11.10 0.09
C GLY A 98 12.02 -9.67 -0.40
N VAL A 99 11.44 -8.75 0.37
CA VAL A 99 11.43 -7.34 -0.04
C VAL A 99 12.81 -6.76 -0.18
N CYS A 100 13.71 -7.10 0.74
CA CYS A 100 15.06 -6.59 0.68
C CYS A 100 15.77 -6.96 -0.60
N VAL A 101 15.65 -8.24 -0.97
CA VAL A 101 16.27 -8.76 -2.18
C VAL A 101 15.69 -8.12 -3.45
N LEU A 102 14.37 -7.97 -3.49
CA LEU A 102 13.72 -7.39 -4.66
C LEU A 102 13.90 -5.87 -4.71
N ALA A 103 13.94 -5.22 -3.55
CA ALA A 103 14.14 -3.78 -3.53
C ALA A 103 15.56 -3.49 -4.01
N ALA A 104 16.51 -4.30 -3.55
CA ALA A 104 17.90 -4.14 -3.97
C ALA A 104 17.99 -4.25 -5.48
N GLN A 105 17.21 -5.16 -6.06
CA GLN A 105 17.22 -5.35 -7.51
C GLN A 105 16.68 -4.10 -8.22
N ALA A 106 15.70 -3.42 -7.60
CA ALA A 106 15.10 -2.21 -8.16
C ALA A 106 15.86 -0.95 -7.78
N GLY A 107 16.90 -1.09 -6.97
CA GLY A 107 17.66 0.06 -6.54
C GLY A 107 16.94 0.91 -5.53
N ALA A 108 16.06 0.30 -4.75
CA ALA A 108 15.29 1.02 -3.73
C ALA A 108 15.82 0.68 -2.33
N LYS A 109 15.58 1.57 -1.37
CA LYS A 109 16.00 1.35 0.00
C LYS A 109 14.79 0.96 0.84
N VAL A 110 14.97 -0.02 1.72
CA VAL A 110 13.89 -0.50 2.58
C VAL A 110 13.94 0.16 3.95
N HIS A 111 12.83 0.76 4.36
CA HIS A 111 12.76 1.38 5.68
C HIS A 111 11.84 0.50 6.51
N VAL A 112 12.37 -0.08 7.58
CA VAL A 112 11.58 -0.96 8.45
C VAL A 112 11.08 -0.15 9.63
N ILE A 113 9.77 -0.13 9.83
CA ILE A 113 9.19 0.65 10.90
C ILE A 113 8.36 -0.19 11.86
N ASP A 114 8.70 -0.10 13.14
CA ASP A 114 7.97 -0.84 14.16
C ASP A 114 6.86 0.05 14.70
N VAL A 115 5.61 -0.29 14.38
CA VAL A 115 4.48 0.49 14.86
C VAL A 115 3.72 -0.25 15.98
N GLY A 116 4.17 -1.46 16.32
CA GLY A 116 3.50 -2.21 17.36
C GLY A 116 3.88 -3.68 17.51
N ILE A 117 5.17 -3.99 17.40
CA ILE A 117 5.61 -5.37 17.55
C ILE A 117 5.56 -5.76 19.02
N ASP A 118 5.05 -6.95 19.32
CA ASP A 118 4.94 -7.44 20.68
C ASP A 118 6.23 -8.15 21.05
N ALA A 119 7.27 -7.36 21.26
CA ALA A 119 8.59 -7.86 21.62
C ALA A 119 9.44 -6.66 22.01
N GLU A 120 10.66 -6.91 22.48
CA GLU A 120 11.53 -5.80 22.86
C GLU A 120 11.94 -5.05 21.60
N PRO A 121 12.32 -3.77 21.75
CA PRO A 121 12.73 -2.95 20.61
C PRO A 121 13.85 -3.63 19.83
N ILE A 122 13.82 -3.51 18.51
CA ILE A 122 14.85 -4.12 17.67
C ILE A 122 15.78 -3.03 17.15
N PRO A 123 17.08 -3.12 17.46
CA PRO A 123 18.03 -2.12 17.01
C PRO A 123 18.04 -2.06 15.48
N GLY A 124 18.10 -0.85 14.93
CA GLY A 124 18.12 -0.71 13.48
C GLY A 124 16.74 -0.46 12.89
N VAL A 125 15.69 -0.79 13.65
CA VAL A 125 14.33 -0.59 13.18
C VAL A 125 13.82 0.76 13.66
N VAL A 126 13.12 1.49 12.78
CA VAL A 126 12.58 2.80 13.14
C VAL A 126 11.50 2.57 14.19
N ASN A 127 11.63 3.23 15.33
CA ASN A 127 10.68 3.05 16.42
C ASN A 127 9.52 4.04 16.42
N MET A 128 8.31 3.52 16.19
CA MET A 128 7.10 4.30 16.19
C MET A 128 6.01 3.45 16.85
N ARG A 129 6.40 2.49 17.67
CA ARG A 129 5.43 1.59 18.28
C ARG A 129 4.38 2.25 19.17
N VAL A 130 3.13 1.85 18.96
CA VAL A 130 2.02 2.39 19.74
C VAL A 130 1.87 1.58 21.02
N ALA A 131 2.03 0.26 20.90
CA ALA A 131 1.93 -0.64 22.04
C ALA A 131 2.45 -1.99 21.58
N ARG A 132 2.60 -2.93 22.51
CA ARG A 132 3.08 -4.27 22.14
C ARG A 132 1.91 -5.08 21.60
N GLY A 133 1.60 -4.89 20.31
CA GLY A 133 0.49 -5.59 19.70
C GLY A 133 -0.80 -4.83 19.93
N CYS A 134 -1.74 -4.88 18.98
CA CYS A 134 -3.00 -4.16 19.16
C CYS A 134 -4.01 -5.09 19.85
N GLY A 135 -5.17 -4.54 20.23
CA GLY A 135 -6.16 -5.36 20.89
C GLY A 135 -6.76 -6.42 19.98
N ASN A 136 -7.27 -7.48 20.59
CA ASN A 136 -7.90 -8.58 19.88
C ASN A 136 -9.24 -8.08 19.34
N ILE A 137 -9.30 -7.81 18.04
CA ILE A 137 -10.51 -7.29 17.41
C ILE A 137 -11.76 -8.17 17.55
N ALA A 138 -11.56 -9.43 17.92
CA ALA A 138 -12.68 -10.36 18.08
C ALA A 138 -13.51 -10.04 19.32
N VAL A 139 -12.90 -9.41 20.32
CA VAL A 139 -13.60 -9.08 21.55
C VAL A 139 -13.70 -7.58 21.83
N GLY A 140 -13.06 -6.78 20.99
CA GLY A 140 -13.11 -5.34 21.20
C GLY A 140 -12.35 -4.64 20.10
N PRO A 141 -12.06 -3.34 20.26
CA PRO A 141 -11.34 -2.57 19.25
C PRO A 141 -9.84 -2.83 19.28
N ALA A 142 -9.21 -2.65 18.13
CA ALA A 142 -7.77 -2.83 18.01
C ALA A 142 -7.04 -1.73 18.77
N MET A 143 -7.61 -0.52 18.77
CA MET A 143 -7.01 0.65 19.41
C MET A 143 -8.03 1.78 19.56
N SER A 144 -7.62 2.87 20.21
CA SER A 144 -8.50 4.03 20.38
C SER A 144 -8.39 4.90 19.13
N ARG A 145 -9.40 5.74 18.90
CA ARG A 145 -9.37 6.61 17.73
C ARG A 145 -8.17 7.54 17.82
N LEU A 146 -7.88 8.02 19.02
CA LEU A 146 -6.73 8.91 19.22
C LEU A 146 -5.42 8.26 18.82
N GLN A 147 -5.27 6.96 19.13
CA GLN A 147 -4.04 6.27 18.78
C GLN A 147 -3.92 6.11 17.26
N ALA A 148 -5.04 5.92 16.58
CA ALA A 148 -5.01 5.77 15.14
C ALA A 148 -4.65 7.10 14.48
N GLU A 149 -5.28 8.19 14.94
CA GLU A 149 -5.02 9.51 14.37
C GLU A 149 -3.58 9.95 14.61
N ALA A 150 -3.07 9.66 15.80
CA ALA A 150 -1.70 10.03 16.14
C ALA A 150 -0.69 9.32 15.24
N LEU A 151 -0.91 8.03 15.00
CA LEU A 151 -0.01 7.25 14.17
C LEU A 151 -0.09 7.69 12.71
N LEU A 152 -1.29 8.01 12.25
CA LEU A 152 -1.48 8.47 10.89
C LEU A 152 -0.61 9.68 10.63
N LEU A 153 -0.65 10.64 11.57
CA LEU A 153 0.15 11.86 11.44
C LEU A 153 1.64 11.61 11.50
N GLU A 154 2.05 10.78 12.46
CA GLU A 154 3.46 10.44 12.64
C GLU A 154 4.05 9.81 11.36
N VAL A 155 3.35 8.81 10.82
CA VAL A 155 3.82 8.13 9.63
C VAL A 155 3.76 9.05 8.40
N SER A 156 2.72 9.88 8.33
CA SER A 156 2.55 10.82 7.23
C SER A 156 3.72 11.80 7.18
N ARG A 157 4.12 12.30 8.34
CA ARG A 157 5.23 13.25 8.42
C ARG A 157 6.55 12.60 8.00
N TYR A 158 6.79 11.40 8.52
CA TYR A 158 8.00 10.65 8.20
C TYR A 158 8.09 10.42 6.69
N THR A 159 6.95 10.08 6.10
CA THR A 159 6.88 9.82 4.67
C THR A 159 7.20 11.04 3.80
N CYS A 160 6.52 12.14 4.04
CA CYS A 160 6.75 13.34 3.25
C CYS A 160 8.14 13.92 3.58
N ASP A 161 8.68 13.58 4.75
CA ASP A 161 10.01 14.05 5.15
C ASP A 161 11.06 13.40 4.23
N LEU A 162 10.85 12.13 3.87
CA LEU A 162 11.77 11.43 2.99
C LEU A 162 11.80 12.10 1.63
N ALA A 163 10.69 12.72 1.25
CA ALA A 163 10.62 13.41 -0.03
C ALA A 163 11.71 14.49 -0.06
N GLN A 164 12.06 15.02 1.12
CA GLN A 164 13.10 16.03 1.18
C GLN A 164 14.48 15.43 0.95
N ARG A 165 14.59 14.11 1.10
CA ARG A 165 15.86 13.41 0.91
C ARG A 165 16.03 12.91 -0.52
N GLY A 166 15.15 13.32 -1.42
CA GLY A 166 15.25 12.89 -2.79
C GLY A 166 14.34 11.75 -3.21
N VAL A 167 13.58 11.21 -2.27
CA VAL A 167 12.67 10.11 -2.62
C VAL A 167 11.48 10.63 -3.41
N THR A 168 11.22 10.03 -4.57
CA THR A 168 10.10 10.45 -5.41
C THR A 168 9.11 9.32 -5.67
N LEU A 169 9.45 8.12 -5.25
CA LEU A 169 8.58 6.97 -5.46
C LEU A 169 8.55 6.10 -4.23
N PHE A 170 7.36 5.88 -3.69
CA PHE A 170 7.24 5.05 -2.51
C PHE A 170 6.58 3.72 -2.80
N GLY A 171 6.87 2.76 -1.94
CA GLY A 171 6.26 1.45 -2.03
C GLY A 171 5.85 1.19 -0.59
N VAL A 172 4.73 0.49 -0.39
CA VAL A 172 4.26 0.19 0.96
C VAL A 172 4.22 -1.32 1.20
N GLY A 173 4.53 -1.71 2.43
CA GLY A 173 4.52 -3.12 2.77
C GLY A 173 4.18 -3.32 4.24
N GLU A 174 4.07 -4.57 4.67
CA GLU A 174 3.75 -4.85 6.06
C GLU A 174 4.37 -6.15 6.52
N LEU A 175 4.33 -6.34 7.83
CA LEU A 175 4.84 -7.52 8.48
C LEU A 175 4.05 -7.63 9.78
N GLY A 176 3.25 -8.68 9.89
CA GLY A 176 2.46 -8.87 11.09
C GLY A 176 1.67 -10.17 11.02
N MET A 177 2.04 -11.13 11.85
CA MET A 177 1.35 -12.41 11.83
C MET A 177 -0.13 -12.20 12.17
N ALA A 178 -0.98 -12.86 11.40
CA ALA A 178 -2.44 -12.81 11.51
C ALA A 178 -3.09 -11.56 10.91
N ASN A 179 -2.30 -10.68 10.29
CA ASN A 179 -2.92 -9.46 9.77
C ASN A 179 -3.87 -9.59 8.57
N THR A 180 -4.00 -10.79 8.00
CA THR A 180 -4.94 -10.94 6.89
C THR A 180 -6.37 -11.03 7.45
N THR A 181 -6.49 -11.21 8.76
CA THR A 181 -7.81 -11.27 9.41
C THR A 181 -8.38 -9.85 9.50
N PRO A 182 -7.65 -8.91 10.12
CA PRO A 182 -8.20 -7.55 10.17
C PRO A 182 -8.34 -6.99 8.74
N ALA A 183 -7.42 -7.37 7.86
CA ALA A 183 -7.49 -6.91 6.48
C ALA A 183 -8.84 -7.33 5.88
N ALA A 184 -9.21 -8.59 6.07
CA ALA A 184 -10.48 -9.11 5.55
C ALA A 184 -11.67 -8.38 6.18
N ALA A 185 -11.58 -8.11 7.49
CA ALA A 185 -12.65 -7.41 8.18
C ALA A 185 -12.88 -6.04 7.53
N MET A 186 -11.79 -5.30 7.33
CA MET A 186 -11.90 -3.99 6.72
C MET A 186 -12.48 -4.05 5.31
N VAL A 187 -12.00 -4.98 4.51
CA VAL A 187 -12.50 -5.10 3.16
C VAL A 187 -13.99 -5.40 3.19
N SER A 188 -14.41 -6.29 4.08
CA SER A 188 -15.82 -6.63 4.19
C SER A 188 -16.65 -5.40 4.53
N VAL A 189 -16.21 -4.64 5.52
CA VAL A 189 -16.92 -3.44 5.93
C VAL A 189 -17.00 -2.37 4.82
N PHE A 190 -15.87 -2.05 4.21
CA PHE A 190 -15.85 -1.05 3.15
C PHE A 190 -16.57 -1.41 1.86
N THR A 191 -16.52 -2.69 1.48
CA THR A 191 -17.16 -3.11 0.23
C THR A 191 -18.54 -3.69 0.45
N GLY A 192 -18.89 -3.95 1.71
CA GLY A 192 -20.20 -4.51 2.00
C GLY A 192 -20.32 -5.96 1.58
N SER A 193 -19.19 -6.64 1.40
CA SER A 193 -19.18 -8.04 1.01
C SER A 193 -19.20 -8.92 2.25
N ASP A 194 -19.79 -10.12 2.12
CA ASP A 194 -19.84 -11.05 3.24
C ASP A 194 -18.42 -11.54 3.54
N ALA A 195 -18.12 -11.75 4.82
CA ALA A 195 -16.81 -12.21 5.24
C ALA A 195 -16.32 -13.44 4.49
N LYS A 196 -17.22 -14.38 4.21
CA LYS A 196 -16.85 -15.59 3.52
C LYS A 196 -16.24 -15.31 2.14
N GLU A 197 -16.68 -14.24 1.51
CA GLU A 197 -16.19 -13.88 0.18
C GLU A 197 -14.82 -13.19 0.16
N VAL A 198 -14.33 -12.74 1.31
CA VAL A 198 -13.04 -12.06 1.34
C VAL A 198 -12.00 -12.64 2.29
N VAL A 199 -12.32 -13.76 2.94
CA VAL A 199 -11.36 -14.38 3.85
C VAL A 199 -10.54 -15.44 3.12
N GLY A 200 -9.22 -15.24 3.08
CA GLY A 200 -8.34 -16.18 2.41
C GLY A 200 -7.53 -17.03 3.38
N ILE A 201 -6.62 -17.85 2.83
CA ILE A 201 -5.79 -18.71 3.67
C ILE A 201 -4.54 -18.03 4.20
N GLY A 202 -4.37 -16.76 3.88
CA GLY A 202 -3.19 -16.03 4.35
C GLY A 202 -1.90 -16.82 4.22
N ALA A 203 -1.14 -16.90 5.30
CA ALA A 203 0.13 -17.62 5.28
C ALA A 203 -0.08 -19.12 5.45
N ASN A 204 -0.64 -19.75 4.41
CA ASN A 204 -0.89 -21.18 4.39
C ASN A 204 -1.75 -21.75 5.50
N LEU A 205 -2.86 -21.09 5.80
CA LEU A 205 -3.76 -21.58 6.83
C LEU A 205 -4.47 -22.82 6.27
N PRO A 206 -4.51 -23.92 7.04
CA PRO A 206 -5.17 -25.15 6.58
C PRO A 206 -6.62 -24.88 6.17
N PRO A 207 -7.08 -25.57 5.14
CA PRO A 207 -8.44 -25.39 4.64
C PRO A 207 -9.53 -25.62 5.69
N SER A 208 -9.22 -26.43 6.69
CA SER A 208 -10.19 -26.73 7.75
C SER A 208 -10.34 -25.60 8.77
N ARG A 209 -9.29 -24.82 8.94
CA ARG A 209 -9.30 -23.71 9.89
C ARG A 209 -9.91 -22.43 9.31
N ILE A 210 -10.30 -22.47 8.03
CA ILE A 210 -10.89 -21.30 7.38
C ILE A 210 -12.20 -20.87 8.02
N ASP A 211 -13.06 -21.85 8.34
CA ASP A 211 -14.35 -21.56 8.94
C ASP A 211 -14.22 -20.70 10.20
N ASN A 212 -13.27 -21.05 11.06
CA ASN A 212 -13.05 -20.30 12.29
C ASN A 212 -12.63 -18.86 12.00
N LYS A 213 -11.83 -18.68 10.97
CA LYS A 213 -11.34 -17.36 10.59
C LYS A 213 -12.53 -16.51 10.12
N VAL A 214 -13.42 -17.08 9.32
CA VAL A 214 -14.58 -16.34 8.86
C VAL A 214 -15.45 -15.92 10.05
N ASP A 215 -15.61 -16.81 11.01
CA ASP A 215 -16.41 -16.51 12.20
C ASP A 215 -15.78 -15.37 13.01
N VAL A 216 -14.46 -15.40 13.14
CA VAL A 216 -13.73 -14.36 13.86
C VAL A 216 -13.98 -13.01 13.19
N VAL A 217 -13.92 -12.98 11.86
CA VAL A 217 -14.14 -11.72 11.13
C VAL A 217 -15.53 -11.17 11.43
N ARG A 218 -16.55 -12.02 11.37
CA ARG A 218 -17.92 -11.58 11.64
C ARG A 218 -18.10 -11.08 13.08
N ARG A 219 -17.48 -11.77 14.04
CA ARG A 219 -17.59 -11.36 15.44
C ARG A 219 -16.98 -9.98 15.65
N ALA A 220 -15.84 -9.73 15.01
CA ALA A 220 -15.15 -8.44 15.12
C ALA A 220 -16.05 -7.32 14.60
N ILE A 221 -16.69 -7.56 13.46
CA ILE A 221 -17.57 -6.56 12.88
C ILE A 221 -18.82 -6.37 13.76
N ALA A 222 -19.42 -7.47 14.19
CA ALA A 222 -20.62 -7.39 15.02
C ALA A 222 -20.36 -6.67 16.34
N ILE A 223 -19.29 -7.06 17.02
CA ILE A 223 -18.95 -6.47 18.31
C ILE A 223 -18.52 -5.01 18.24
N ASN A 224 -17.77 -4.65 17.22
CA ASN A 224 -17.28 -3.28 17.09
C ASN A 224 -18.18 -2.30 16.34
N GLN A 225 -18.98 -2.82 15.42
CA GLN A 225 -19.88 -1.97 14.66
C GLN A 225 -19.15 -0.78 14.02
N PRO A 226 -18.10 -1.04 13.24
CA PRO A 226 -17.36 0.05 12.60
C PRO A 226 -18.23 0.76 11.57
N ASN A 227 -18.08 2.08 11.49
CA ASN A 227 -18.83 2.90 10.54
C ASN A 227 -18.09 2.93 9.21
N PRO A 228 -18.68 2.32 8.16
CA PRO A 228 -18.11 2.24 6.81
C PRO A 228 -17.80 3.60 6.19
N ARG A 229 -18.49 4.64 6.65
CA ARG A 229 -18.28 5.98 6.12
C ARG A 229 -17.16 6.72 6.85
N ASP A 230 -16.61 6.10 7.89
CA ASP A 230 -15.54 6.72 8.66
C ASP A 230 -14.29 5.83 8.60
N GLY A 231 -13.39 6.13 7.69
CA GLY A 231 -12.18 5.34 7.54
C GLY A 231 -11.34 5.17 8.80
N ILE A 232 -11.29 6.19 9.63
CA ILE A 232 -10.51 6.11 10.87
C ILE A 232 -11.25 5.25 11.90
N ASP A 233 -12.58 5.24 11.85
CA ASP A 233 -13.35 4.42 12.79
C ASP A 233 -13.09 2.95 12.46
N VAL A 234 -13.11 2.62 11.18
CA VAL A 234 -12.87 1.25 10.76
C VAL A 234 -11.48 0.79 11.12
N LEU A 235 -10.47 1.62 10.82
CA LEU A 235 -9.09 1.27 11.13
C LEU A 235 -8.87 1.03 12.62
N SER A 236 -9.36 1.92 13.46
CA SER A 236 -9.15 1.80 14.90
C SER A 236 -9.91 0.63 15.51
N LYS A 237 -11.07 0.28 14.94
CA LYS A 237 -11.88 -0.80 15.48
C LYS A 237 -11.51 -2.20 15.00
N VAL A 238 -11.43 -2.39 13.70
CA VAL A 238 -11.12 -3.73 13.19
C VAL A 238 -9.86 -3.82 12.33
N GLY A 239 -8.97 -2.84 12.48
CA GLY A 239 -7.73 -2.84 11.72
C GLY A 239 -6.58 -3.25 12.61
N GLY A 240 -5.43 -2.60 12.44
CA GLY A 240 -4.25 -2.89 13.24
C GLY A 240 -3.25 -1.76 13.10
N PHE A 241 -2.18 -1.79 13.89
CA PHE A 241 -1.16 -0.74 13.83
C PHE A 241 -0.49 -0.72 12.46
N ASP A 242 -0.22 -1.90 11.91
CA ASP A 242 0.41 -1.97 10.59
C ASP A 242 -0.49 -1.40 9.52
N LEU A 243 -1.78 -1.75 9.56
CA LEU A 243 -2.75 -1.25 8.60
C LEU A 243 -2.82 0.27 8.68
N VAL A 244 -2.81 0.79 9.90
CA VAL A 244 -2.86 2.24 10.10
C VAL A 244 -1.61 2.86 9.47
N GLY A 245 -0.47 2.26 9.75
CA GLY A 245 0.78 2.77 9.20
C GLY A 245 0.78 2.82 7.68
N MET A 246 0.28 1.76 7.04
CA MET A 246 0.24 1.73 5.58
C MET A 246 -0.65 2.88 5.06
N THR A 247 -1.79 3.08 5.72
CA THR A 247 -2.69 4.17 5.34
C THR A 247 -1.94 5.51 5.50
N GLY A 248 -1.13 5.62 6.56
CA GLY A 248 -0.37 6.83 6.80
C GLY A 248 0.64 7.14 5.70
N VAL A 249 1.25 6.10 5.14
CA VAL A 249 2.21 6.30 4.06
C VAL A 249 1.49 6.88 2.84
N MET A 250 0.30 6.35 2.56
CA MET A 250 -0.48 6.81 1.42
C MET A 250 -0.92 8.26 1.59
N LEU A 251 -1.34 8.62 2.80
CA LEU A 251 -1.77 10.00 3.05
C LEU A 251 -0.59 10.95 2.94
N GLY A 252 0.57 10.49 3.41
CA GLY A 252 1.77 11.29 3.38
C GLY A 252 2.31 11.50 1.97
N ALA A 253 2.30 10.45 1.17
CA ALA A 253 2.79 10.55 -0.19
C ALA A 253 1.87 11.48 -0.96
N ALA A 254 0.57 11.34 -0.74
CA ALA A 254 -0.41 12.17 -1.41
C ALA A 254 -0.23 13.65 -1.06
N ARG A 255 -0.05 13.93 0.23
CA ARG A 255 0.15 15.29 0.72
C ARG A 255 1.41 15.88 0.06
N CYS A 256 2.39 15.01 -0.12
CA CYS A 256 3.68 15.34 -0.72
C CYS A 256 3.57 15.40 -2.25
N GLY A 257 2.41 15.01 -2.77
CA GLY A 257 2.19 15.00 -4.21
C GLY A 257 3.04 13.97 -4.94
N LEU A 258 3.33 12.87 -4.26
CA LEU A 258 4.17 11.82 -4.84
C LEU A 258 3.46 10.48 -4.98
N PRO A 259 3.92 9.64 -5.92
CA PRO A 259 3.32 8.32 -6.17
C PRO A 259 3.70 7.25 -5.14
N VAL A 260 2.77 6.33 -4.91
CA VAL A 260 3.00 5.23 -4.00
C VAL A 260 2.48 3.93 -4.62
N LEU A 261 3.35 2.94 -4.65
CA LEU A 261 3.02 1.64 -5.21
C LEU A 261 2.42 0.75 -4.13
N LEU A 262 1.26 0.18 -4.43
CA LEU A 262 0.60 -0.72 -3.51
C LEU A 262 1.31 -2.06 -3.61
N ASP A 263 0.96 -2.98 -2.72
CA ASP A 263 1.56 -4.32 -2.71
C ASP A 263 0.41 -5.31 -2.91
N GLY A 264 0.11 -6.08 -1.87
CA GLY A 264 -0.95 -7.07 -1.96
C GLY A 264 -2.24 -6.71 -1.23
N PHE A 265 -2.96 -7.76 -0.78
CA PHE A 265 -4.25 -7.63 -0.08
C PHE A 265 -4.22 -6.71 1.14
N LEU A 266 -3.19 -6.84 1.97
CA LEU A 266 -3.08 -5.99 3.14
C LEU A 266 -3.10 -4.52 2.70
N SER A 267 -2.32 -4.21 1.66
CA SER A 267 -2.25 -2.85 1.18
C SER A 267 -3.55 -2.38 0.52
N TYR A 268 -4.32 -3.30 -0.07
CA TYR A 268 -5.59 -2.91 -0.69
C TYR A 268 -6.55 -2.45 0.43
N SER A 269 -6.51 -3.14 1.58
CA SER A 269 -7.37 -2.80 2.70
C SER A 269 -7.06 -1.40 3.18
N ALA A 270 -5.76 -1.10 3.30
CA ALA A 270 -5.32 0.20 3.75
C ALA A 270 -5.67 1.29 2.74
N ALA A 271 -5.62 0.94 1.45
CA ALA A 271 -5.95 1.91 0.41
C ALA A 271 -7.45 2.20 0.45
N LEU A 272 -8.26 1.19 0.76
CA LEU A 272 -9.69 1.41 0.85
C LEU A 272 -9.93 2.45 1.95
N ALA A 273 -9.28 2.28 3.09
CA ALA A 273 -9.42 3.22 4.21
C ALA A 273 -8.89 4.61 3.83
N ALA A 274 -7.72 4.67 3.20
CA ALA A 274 -7.14 5.95 2.83
C ALA A 274 -8.07 6.75 1.92
N CYS A 275 -8.64 6.10 0.92
CA CYS A 275 -9.54 6.78 0.00
C CYS A 275 -10.87 7.16 0.63
N GLN A 276 -11.24 6.47 1.69
CA GLN A 276 -12.48 6.78 2.38
C GLN A 276 -12.23 8.06 3.19
N ILE A 277 -11.07 8.11 3.83
CA ILE A 277 -10.64 9.24 4.64
C ILE A 277 -10.44 10.48 3.78
N ALA A 278 -9.83 10.30 2.62
CA ALA A 278 -9.58 11.41 1.70
C ALA A 278 -9.55 10.91 0.26
N PRO A 279 -10.64 11.12 -0.49
CA PRO A 279 -10.69 10.67 -1.88
C PRO A 279 -9.57 11.24 -2.74
N ALA A 280 -9.03 12.38 -2.33
CA ALA A 280 -7.95 13.04 -3.06
C ALA A 280 -6.68 12.20 -3.10
N VAL A 281 -6.62 11.15 -2.29
CA VAL A 281 -5.44 10.27 -2.28
C VAL A 281 -5.38 9.36 -3.52
N ARG A 282 -6.54 8.99 -4.04
CA ARG A 282 -6.62 8.07 -5.18
C ARG A 282 -5.73 8.26 -6.40
N PRO A 283 -5.59 9.49 -6.89
CA PRO A 283 -4.75 9.76 -8.07
C PRO A 283 -3.26 9.45 -7.86
N TYR A 284 -2.85 9.29 -6.62
CA TYR A 284 -1.46 9.01 -6.27
C TYR A 284 -1.12 7.53 -6.11
N LEU A 285 -2.14 6.68 -6.06
CA LEU A 285 -1.93 5.24 -5.88
C LEU A 285 -1.68 4.53 -7.20
N ILE A 286 -0.71 3.63 -7.19
CA ILE A 286 -0.35 2.84 -8.37
C ILE A 286 -0.36 1.36 -7.95
N PRO A 287 -1.15 0.53 -8.65
CA PRO A 287 -1.17 -0.89 -8.26
C PRO A 287 0.10 -1.58 -8.72
N SER A 288 0.45 -2.71 -8.11
CA SER A 288 1.64 -3.43 -8.54
C SER A 288 1.20 -4.78 -9.07
N HIS A 289 0.92 -5.72 -8.18
CA HIS A 289 0.51 -7.04 -8.64
C HIS A 289 -0.90 -7.40 -8.17
N PHE A 290 -1.38 -8.53 -8.68
CA PHE A 290 -2.70 -9.03 -8.34
C PHE A 290 -2.49 -10.15 -7.33
N SER A 291 -2.72 -9.85 -6.06
CA SER A 291 -2.54 -10.82 -4.97
C SER A 291 -3.35 -12.11 -5.14
N ALA A 292 -2.76 -13.22 -4.69
CA ALA A 292 -3.42 -14.52 -4.76
C ALA A 292 -4.41 -14.71 -3.61
N GLU A 293 -4.55 -13.69 -2.76
CA GLU A 293 -5.48 -13.76 -1.63
C GLU A 293 -6.91 -13.75 -2.19
N LYS A 294 -7.79 -14.56 -1.60
CA LYS A 294 -9.17 -14.67 -2.05
C LYS A 294 -9.95 -13.36 -2.27
N GLY A 295 -9.83 -12.41 -1.35
CA GLY A 295 -10.57 -11.16 -1.49
C GLY A 295 -9.94 -10.07 -2.34
N ALA A 296 -8.87 -10.40 -3.04
CA ALA A 296 -8.17 -9.44 -3.89
C ALA A 296 -9.06 -8.84 -4.99
N ARG A 297 -9.75 -9.70 -5.74
CA ARG A 297 -10.63 -9.24 -6.82
C ARG A 297 -11.65 -8.20 -6.34
N ILE A 298 -12.28 -8.47 -5.20
CA ILE A 298 -13.29 -7.58 -4.63
C ILE A 298 -12.70 -6.24 -4.24
N ALA A 299 -11.61 -6.27 -3.48
CA ALA A 299 -10.94 -5.05 -3.03
C ALA A 299 -10.52 -4.16 -4.20
N LEU A 300 -9.88 -4.77 -5.19
CA LEU A 300 -9.42 -4.04 -6.36
C LEU A 300 -10.57 -3.41 -7.16
N ALA A 301 -11.69 -4.13 -7.28
CA ALA A 301 -12.84 -3.63 -8.02
C ALA A 301 -13.37 -2.36 -7.36
N HIS A 302 -13.36 -2.33 -6.03
CA HIS A 302 -13.84 -1.16 -5.33
C HIS A 302 -12.86 0.01 -5.41
N LEU A 303 -11.59 -0.29 -5.68
CA LEU A 303 -10.58 0.74 -5.83
C LEU A 303 -10.47 1.09 -7.32
N SER A 304 -11.20 0.33 -8.14
CA SER A 304 -11.19 0.51 -9.60
C SER A 304 -9.77 0.45 -10.10
N MET A 305 -9.04 -0.55 -9.65
CA MET A 305 -7.65 -0.75 -10.03
C MET A 305 -7.40 -2.08 -10.74
N GLU A 306 -6.50 -2.06 -11.71
CA GLU A 306 -6.13 -3.26 -12.42
C GLU A 306 -4.60 -3.39 -12.36
N PRO A 307 -4.08 -4.30 -11.51
CA PRO A 307 -2.64 -4.48 -11.38
C PRO A 307 -1.94 -4.83 -12.69
N TYR A 308 -0.65 -4.51 -12.77
CA TYR A 308 0.14 -4.79 -13.97
C TYR A 308 0.70 -6.21 -13.95
N LEU A 309 1.00 -6.71 -12.77
CA LEU A 309 1.61 -8.03 -12.59
C LEU A 309 0.70 -9.10 -12.02
N HIS A 310 0.71 -10.26 -12.67
CA HIS A 310 -0.06 -11.41 -12.24
C HIS A 310 0.99 -12.47 -11.92
N MET A 311 1.48 -12.47 -10.68
CA MET A 311 2.52 -13.40 -10.23
C MET A 311 2.04 -14.41 -9.21
N ALA A 312 0.74 -14.38 -8.92
CA ALA A 312 0.16 -15.27 -7.91
C ALA A 312 0.94 -15.16 -6.61
N MET A 313 1.44 -13.95 -6.32
CA MET A 313 2.21 -13.73 -5.10
C MET A 313 1.33 -13.44 -3.89
N ARG A 314 1.80 -13.85 -2.72
CA ARG A 314 1.05 -13.66 -1.47
C ARG A 314 1.99 -13.64 -0.25
N LEU A 315 3.20 -13.14 -0.46
CA LEU A 315 4.20 -13.04 0.61
C LEU A 315 4.00 -11.77 1.45
N GLY A 316 3.72 -10.67 0.76
CA GLY A 316 3.54 -9.41 1.45
C GLY A 316 4.90 -8.75 1.59
N GLU A 317 5.09 -8.00 2.68
CA GLU A 317 6.33 -7.29 2.98
C GLU A 317 6.59 -6.12 2.04
N GLY A 318 5.80 -6.00 0.99
CA GLY A 318 6.02 -4.93 0.04
C GLY A 318 6.82 -5.48 -1.14
N SER A 319 6.93 -6.80 -1.21
CA SER A 319 7.68 -7.45 -2.28
C SER A 319 7.12 -7.16 -3.67
N GLY A 320 5.80 -7.08 -3.79
CA GLY A 320 5.18 -6.80 -5.08
C GLY A 320 5.44 -5.37 -5.50
N ALA A 321 5.41 -4.47 -4.53
CA ALA A 321 5.67 -3.06 -4.80
C ALA A 321 7.07 -2.92 -5.41
N ALA A 322 8.05 -3.60 -4.81
CA ALA A 322 9.42 -3.52 -5.29
C ALA A 322 9.55 -4.08 -6.70
N LEU A 323 8.83 -5.16 -6.96
CA LEU A 323 8.89 -5.82 -8.26
C LEU A 323 8.34 -4.93 -9.36
N ALA A 324 7.45 -4.01 -9.00
CA ALA A 324 6.85 -3.11 -9.98
C ALA A 324 7.62 -1.82 -10.23
N MET A 325 8.57 -1.49 -9.36
CA MET A 325 9.31 -0.25 -9.56
C MET A 325 9.93 -0.09 -10.96
N PRO A 326 10.49 -1.17 -11.53
CA PRO A 326 11.11 -1.12 -12.86
C PRO A 326 10.10 -0.70 -13.93
N ILE A 327 8.83 -1.03 -13.69
CA ILE A 327 7.77 -0.68 -14.63
C ILE A 327 7.55 0.82 -14.63
N VAL A 328 7.58 1.43 -13.45
CA VAL A 328 7.41 2.88 -13.34
C VAL A 328 8.58 3.56 -14.03
N GLU A 329 9.78 3.06 -13.79
CA GLU A 329 10.96 3.64 -14.43
C GLU A 329 10.90 3.46 -15.94
N ALA A 330 10.30 2.38 -16.38
CA ALA A 330 10.17 2.09 -17.81
C ALA A 330 9.27 3.14 -18.49
N ALA A 331 8.21 3.55 -17.79
CA ALA A 331 7.29 4.56 -18.34
C ALA A 331 8.03 5.88 -18.47
N CYS A 332 8.93 6.16 -17.53
CA CYS A 332 9.70 7.40 -17.59
C CYS A 332 10.72 7.35 -18.71
N ALA A 333 11.34 6.19 -18.90
CA ALA A 333 12.35 6.01 -19.94
C ALA A 333 11.70 6.19 -21.31
N MET A 334 10.50 5.63 -21.49
CA MET A 334 9.78 5.75 -22.75
C MET A 334 9.54 7.21 -23.07
N PHE A 335 9.02 7.93 -22.07
CA PHE A 335 8.70 9.34 -22.20
C PHE A 335 9.88 10.22 -22.58
N HIS A 336 11.00 10.04 -21.90
CA HIS A 336 12.17 10.87 -22.12
C HIS A 336 13.17 10.44 -23.20
N ASN A 337 13.29 9.14 -23.43
CA ASN A 337 14.27 8.62 -24.36
C ASN A 337 13.84 8.23 -25.78
N MET A 338 12.56 7.98 -26.01
CA MET A 338 12.14 7.59 -27.36
C MET A 338 12.20 8.73 -28.37
N GLY A 339 12.46 8.38 -29.63
CA GLY A 339 12.51 9.39 -30.68
C GLY A 339 11.10 9.78 -31.08
N GLU A 340 10.98 10.74 -31.98
CA GLU A 340 9.67 11.23 -32.43
C GLU A 340 9.39 10.93 -33.90
N LEU A 341 8.12 10.66 -34.21
CA LEU A 341 7.69 10.37 -35.58
C LEU A 341 8.07 11.46 -36.58
N ALA A 342 7.79 12.71 -36.21
CA ALA A 342 8.08 13.84 -37.07
C ALA A 342 9.52 13.88 -37.51
N ALA A 343 10.43 13.52 -36.61
CA ALA A 343 11.86 13.51 -36.89
C ALA A 343 12.23 12.49 -37.96
N SER A 344 11.44 11.42 -38.05
CA SER A 344 11.70 10.38 -39.04
C SER A 344 10.78 10.53 -40.25
N ASN A 345 10.12 11.68 -40.33
CA ASN A 345 9.21 11.98 -41.43
C ASN A 345 8.09 10.95 -41.57
N ILE A 346 7.79 10.25 -40.49
CA ILE A 346 6.73 9.25 -40.51
C ILE A 346 5.39 9.91 -40.20
N VAL A 347 4.43 9.71 -41.08
CA VAL A 347 3.11 10.29 -40.89
C VAL A 347 2.09 9.16 -40.85
N LEU A 348 1.30 9.13 -39.77
CA LEU A 348 0.28 8.10 -39.62
C LEU A 348 -1.09 8.77 -39.51
N PRO A 349 -2.15 8.07 -39.93
CA PRO A 349 -3.52 8.61 -39.88
C PRO A 349 -3.95 9.02 -38.48
#